data_1IZ0
#
_entry.id   1IZ0
#
_cell.length_a   77.687
_cell.length_b   77.687
_cell.length_c   236.629
_cell.angle_alpha   90.00
_cell.angle_beta   90.00
_cell.angle_gamma   120.00
#
_symmetry.space_group_name_H-M   'P 61 2 2'
#
loop_
_entity.id
_entity.type
_entity.pdbx_description
1 polymer 'QUINONE OXIDOREDUCTASE'
2 non-polymer 'SULFATE ION'
3 water water
#
_entity_poly.entity_id   1
_entity_poly.type   'polypeptide(L)'
_entity_poly.pdbx_seq_one_letter_code
;(MSE)KAWVLKRLGGPLELVDLPEPEAEEGEVVLRVEAVGLNFADHL(MSE)RLGAYLTRLHPPFIPG(MSE)EVVGVVE
GRRYAALVPQGGLAERVAVPKGALLPLPEGLSPEEAAAFPVSFLTAYLALKRAQARPGEKVLVQAAAGALGTAAVQVARA
(MSE)GLRVLAAASRPEKLALPLALGAEEAATYAEVPERAKAWGGLDLVLEVRGKEVEESLGLLAHGGRLVYIGAAEGEV
APIPPLRL(MSE)RRNLAVLGFWLTPLLREGALVEEALGFLLPRLGRELRPVVGPVFPFAEAEAAFRALLDRGHTGKVVV
RL
;
_entity_poly.pdbx_strand_id   A
#
# COMPACT_ATOMS: atom_id res chain seq x y z
N LYS A 2 17.15 20.97 -0.48
CA LYS A 2 15.81 21.36 -0.07
C LYS A 2 15.12 20.12 0.50
N ALA A 3 14.23 20.32 1.46
CA ALA A 3 13.53 19.20 2.06
C ALA A 3 12.36 19.68 2.90
N TRP A 4 11.37 18.81 3.06
CA TRP A 4 10.20 19.14 3.87
C TRP A 4 10.41 18.53 5.23
N VAL A 5 10.22 19.36 6.26
CA VAL A 5 10.39 18.90 7.63
C VAL A 5 9.16 19.21 8.46
N LEU A 6 8.79 18.25 9.30
CA LEU A 6 7.64 18.39 10.18
C LEU A 6 8.24 18.60 11.57
N LYS A 7 8.10 19.81 12.10
CA LYS A 7 8.65 20.13 13.42
C LYS A 7 7.72 19.83 14.58
N ARG A 8 6.43 19.69 14.30
CA ARG A 8 5.47 19.38 15.36
C ARG A 8 4.36 18.48 14.85
N LEU A 9 4.02 17.47 15.65
CA LEU A 9 2.95 16.56 15.28
C LEU A 9 1.69 17.41 15.15
N GLY A 10 0.90 17.15 14.11
CA GLY A 10 -0.31 17.92 13.92
C GLY A 10 -0.02 19.32 13.40
N GLY A 11 1.25 19.62 13.19
CA GLY A 11 1.63 20.94 12.70
C GLY A 11 1.82 20.95 11.17
N PRO A 12 2.26 22.08 10.60
CA PRO A 12 2.46 22.19 9.16
C PRO A 12 3.85 21.73 8.74
N LEU A 13 4.04 21.52 7.44
CA LEU A 13 5.33 21.10 6.91
C LEU A 13 6.11 22.37 6.59
N GLU A 14 7.43 22.28 6.55
CA GLU A 14 8.22 23.45 6.20
C GLU A 14 9.30 23.14 5.18
N LEU A 15 9.36 23.94 4.13
CA LEU A 15 10.37 23.78 3.09
C LEU A 15 11.65 24.39 3.66
N VAL A 16 12.66 23.57 3.85
CA VAL A 16 13.91 24.02 4.44
C VAL A 16 15.15 23.54 3.69
N ASP A 17 16.28 24.19 3.99
CA ASP A 17 17.56 23.82 3.40
C ASP A 17 18.26 22.98 4.45
N LEU A 18 18.75 21.81 4.07
CA LEU A 18 19.44 20.93 5.00
C LEU A 18 20.76 20.47 4.42
N PRO A 19 21.68 19.98 5.26
CA PRO A 19 22.98 19.50 4.81
C PRO A 19 22.79 18.25 3.96
N GLU A 20 23.70 18.04 3.02
CA GLU A 20 23.63 16.86 2.15
C GLU A 20 23.79 15.61 3.00
N PRO A 21 22.99 14.57 2.71
CA PRO A 21 23.08 13.33 3.47
C PRO A 21 24.46 12.69 3.30
N GLU A 22 24.98 12.10 4.37
CA GLU A 22 26.27 11.44 4.33
C GLU A 22 26.03 9.95 4.47
N ALA A 23 26.43 9.19 3.44
CA ALA A 23 26.24 7.74 3.45
C ALA A 23 27.20 7.02 4.39
N GLU A 24 26.65 6.33 5.37
CA GLU A 24 27.48 5.57 6.30
C GLU A 24 27.93 4.31 5.55
N GLU A 25 28.82 3.53 6.16
CA GLU A 25 29.31 2.31 5.52
C GLU A 25 28.13 1.41 5.17
N GLY A 26 28.06 0.99 3.91
CA GLY A 26 26.98 0.12 3.48
C GLY A 26 25.78 0.86 2.91
N GLU A 27 25.82 2.20 2.93
CA GLU A 27 24.73 3.00 2.41
C GLU A 27 25.12 3.78 1.16
N VAL A 28 24.11 4.16 0.38
CA VAL A 28 24.32 4.95 -0.81
C VAL A 28 23.38 6.13 -0.70
N VAL A 29 23.69 7.22 -1.39
CA VAL A 29 22.83 8.39 -1.38
C VAL A 29 22.10 8.42 -2.71
N LEU A 30 20.79 8.28 -2.69
CA LEU A 30 20.07 8.32 -3.95
C LEU A 30 19.39 9.67 -4.12
N ARG A 31 19.47 10.21 -5.33
CA ARG A 31 18.84 11.47 -5.64
C ARG A 31 17.40 11.12 -5.97
N VAL A 32 16.48 11.67 -5.18
CA VAL A 32 15.05 11.42 -5.30
C VAL A 32 14.37 11.99 -6.55
N GLU A 33 13.54 11.15 -7.18
CA GLU A 33 12.78 11.54 -8.36
C GLU A 33 11.29 11.59 -8.02
N ALA A 34 10.84 10.63 -7.22
CA ALA A 34 9.43 10.56 -6.85
C ALA A 34 9.27 9.98 -5.45
N VAL A 35 8.16 10.33 -4.81
CA VAL A 35 7.87 9.85 -3.46
C VAL A 35 6.41 9.44 -3.42
N GLY A 36 6.15 8.20 -2.99
CA GLY A 36 4.78 7.74 -2.91
C GLY A 36 4.27 7.98 -1.50
N LEU A 37 3.11 8.59 -1.35
CA LEU A 37 2.57 8.85 -0.04
C LEU A 37 1.58 7.77 0.39
N ASN A 38 1.51 7.54 1.69
CA ASN A 38 0.63 6.52 2.26
C ASN A 38 -0.20 7.10 3.40
N PHE A 39 -1.34 6.50 3.68
CA PHE A 39 -2.16 6.99 4.77
C PHE A 39 -1.28 6.97 6.02
N ALA A 40 -0.39 5.98 6.06
CA ALA A 40 0.54 5.84 7.18
C ALA A 40 1.33 7.11 7.41
N ASP A 41 1.68 7.80 6.33
CA ASP A 41 2.43 9.05 6.44
C ASP A 41 1.56 10.09 7.12
N HIS A 42 0.28 10.09 6.81
CA HIS A 42 -0.64 11.03 7.43
C HIS A 42 -0.77 10.77 8.92
N LEU A 43 -0.86 9.49 9.31
CA LEU A 43 -0.99 9.13 10.71
C LEU A 43 0.28 9.45 11.50
N ARG A 45 2.23 11.95 11.05
CA ARG A 45 2.31 13.39 11.29
C ARG A 45 1.49 13.74 12.51
N LEU A 46 0.53 12.89 12.84
CA LEU A 46 -0.34 13.11 13.99
C LEU A 46 0.11 12.30 15.20
N GLY A 47 1.12 11.46 15.01
CA GLY A 47 1.61 10.64 16.10
C GLY A 47 0.60 9.56 16.42
N ALA A 48 -0.18 9.18 15.41
CA ALA A 48 -1.22 8.16 15.57
C ALA A 48 -0.92 6.86 14.84
N TYR A 49 0.35 6.61 14.51
CA TYR A 49 0.72 5.39 13.79
C TYR A 49 1.44 4.37 14.67
N LEU A 50 1.48 3.13 14.21
CA LEU A 50 2.16 2.07 14.97
C LEU A 50 3.59 2.49 15.31
N THR A 51 4.31 3.06 14.34
CA THR A 51 5.67 3.53 14.58
C THR A 51 5.53 5.00 14.99
N ARG A 52 6.22 5.39 16.05
CA ARG A 52 6.15 6.77 16.51
C ARG A 52 7.48 7.49 16.28
N LEU A 53 7.53 8.28 15.21
CA LEU A 53 8.73 9.04 14.89
C LEU A 53 8.68 10.34 15.69
N HIS A 54 9.81 10.69 16.30
CA HIS A 54 9.90 11.91 17.10
C HIS A 54 10.35 13.09 16.24
N PRO A 55 9.56 14.15 16.18
CA PRO A 55 9.95 15.31 15.39
C PRO A 55 11.22 15.93 15.95
N PRO A 56 11.96 16.69 15.13
CA PRO A 56 11.62 16.95 13.73
C PRO A 56 12.04 15.81 12.82
N PHE A 57 11.34 15.65 11.70
CA PHE A 57 11.68 14.61 10.75
C PHE A 57 11.12 14.91 9.36
N ILE A 58 11.76 14.34 8.35
CA ILE A 58 11.36 14.51 6.97
C ILE A 58 10.37 13.42 6.60
N PRO A 59 9.11 13.77 6.33
CA PRO A 59 8.11 12.77 5.96
C PRO A 59 8.53 12.05 4.67
N GLY A 60 7.84 10.96 4.34
CA GLY A 60 8.17 10.23 3.13
C GLY A 60 8.93 8.94 3.42
N GLU A 62 8.38 5.98 1.04
CA GLU A 62 8.42 5.23 -0.21
C GLU A 62 9.08 6.09 -1.27
N VAL A 63 10.35 5.80 -1.54
CA VAL A 63 11.14 6.58 -2.46
C VAL A 63 11.60 5.87 -3.73
N VAL A 64 11.80 6.66 -4.78
CA VAL A 64 12.29 6.18 -6.06
C VAL A 64 13.37 7.18 -6.48
N GLY A 65 14.54 6.69 -6.87
CA GLY A 65 15.60 7.59 -7.27
C GLY A 65 16.78 6.95 -7.95
N VAL A 66 17.80 7.78 -8.22
CA VAL A 66 18.98 7.30 -8.92
C VAL A 66 20.24 7.20 -8.07
N VAL A 67 21.00 6.13 -8.33
CA VAL A 67 22.26 5.89 -7.64
C VAL A 67 23.25 5.44 -8.71
N GLU A 68 24.20 6.32 -9.03
CA GLU A 68 25.20 6.02 -10.05
C GLU A 68 24.55 5.63 -11.37
N GLY A 69 23.68 6.49 -11.87
CA GLY A 69 23.01 6.22 -13.14
C GLY A 69 21.88 5.20 -13.17
N ARG A 70 21.71 4.44 -12.09
CA ARG A 70 20.64 3.43 -12.07
C ARG A 70 19.49 3.78 -11.10
N ARG A 71 18.26 3.61 -11.57
CA ARG A 71 17.08 3.90 -10.76
C ARG A 71 16.61 2.73 -9.89
N TYR A 72 16.32 3.05 -8.63
CA TYR A 72 15.88 2.07 -7.65
C TYR A 72 14.69 2.61 -6.85
N ALA A 73 13.96 1.69 -6.23
CA ALA A 73 12.83 2.04 -5.38
C ALA A 73 13.30 1.63 -3.99
N ALA A 74 12.80 2.29 -2.95
CA ALA A 74 13.23 1.91 -1.61
C ALA A 74 12.26 2.34 -0.53
N LEU A 75 12.23 1.57 0.55
CA LEU A 75 11.41 1.89 1.70
C LEU A 75 12.38 2.39 2.74
N VAL A 76 12.15 3.61 3.21
CA VAL A 76 13.02 4.23 4.21
C VAL A 76 12.12 4.57 5.39
N PRO A 77 12.69 4.79 6.58
CA PRO A 77 11.84 5.12 7.73
C PRO A 77 11.42 6.59 7.71
N GLN A 78 12.19 7.40 6.99
CA GLN A 78 11.90 8.83 6.88
C GLN A 78 12.88 9.41 5.89
N GLY A 79 12.75 10.70 5.61
CA GLY A 79 13.66 11.36 4.68
C GLY A 79 13.25 11.34 3.22
N GLY A 80 12.05 10.85 2.93
CA GLY A 80 11.59 10.79 1.55
C GLY A 80 11.47 12.13 0.84
N LEU A 81 10.70 13.05 1.40
CA LEU A 81 10.48 14.36 0.80
C LEU A 81 11.70 15.27 0.87
N ALA A 82 12.76 14.84 0.20
CA ALA A 82 14.00 15.62 0.15
C ALA A 82 14.69 15.31 -1.17
N GLU A 83 15.68 16.13 -1.52
CA GLU A 83 16.41 15.94 -2.77
C GLU A 83 17.30 14.70 -2.77
N ARG A 84 17.82 14.34 -1.61
CA ARG A 84 18.68 13.17 -1.49
C ARG A 84 18.43 12.45 -0.17
N VAL A 85 18.57 11.13 -0.18
CA VAL A 85 18.37 10.32 1.01
C VAL A 85 19.40 9.20 1.06
N ALA A 86 19.93 8.93 2.25
CA ALA A 86 20.91 7.86 2.41
C ALA A 86 20.10 6.58 2.58
N VAL A 87 20.48 5.53 1.85
CA VAL A 87 19.75 4.28 1.91
C VAL A 87 20.67 3.06 1.97
N PRO A 88 20.35 2.08 2.83
CA PRO A 88 21.19 0.88 2.93
C PRO A 88 21.15 0.13 1.60
N LYS A 89 22.31 -0.20 1.05
CA LYS A 89 22.39 -0.91 -0.22
C LYS A 89 21.41 -2.08 -0.25
N GLY A 90 21.29 -2.77 0.89
CA GLY A 90 20.41 -3.92 0.99
C GLY A 90 18.93 -3.67 0.80
N ALA A 91 18.48 -2.42 0.99
CA ALA A 91 17.07 -2.08 0.83
C ALA A 91 16.72 -1.67 -0.59
N LEU A 92 17.74 -1.45 -1.42
CA LEU A 92 17.52 -1.04 -2.81
C LEU A 92 16.73 -2.07 -3.59
N LEU A 93 15.76 -1.61 -4.36
CA LEU A 93 14.93 -2.48 -5.15
C LEU A 93 15.09 -2.17 -6.64
N PRO A 94 15.72 -3.08 -7.41
CA PRO A 94 15.95 -2.89 -8.85
C PRO A 94 14.63 -2.82 -9.60
N LEU A 95 14.57 -1.94 -10.60
CA LEU A 95 13.37 -1.75 -11.39
C LEU A 95 13.58 -2.17 -12.83
N PRO A 96 12.50 -2.57 -13.52
CA PRO A 96 12.60 -2.99 -14.93
C PRO A 96 12.86 -1.75 -15.77
N GLU A 97 13.64 -1.91 -16.84
CA GLU A 97 13.93 -0.79 -17.73
C GLU A 97 12.64 -0.17 -18.23
N GLY A 98 12.59 1.15 -18.27
CA GLY A 98 11.41 1.84 -18.76
C GLY A 98 10.31 2.15 -17.76
N LEU A 99 10.36 1.55 -16.58
CA LEU A 99 9.33 1.83 -15.58
C LEU A 99 9.46 3.32 -15.24
N SER A 100 8.35 4.05 -15.28
CA SER A 100 8.39 5.47 -14.97
C SER A 100 8.62 5.63 -13.47
N PRO A 101 9.16 6.78 -13.05
CA PRO A 101 9.42 7.03 -11.63
C PRO A 101 8.11 7.03 -10.83
N GLU A 102 7.06 7.56 -11.42
CA GLU A 102 5.76 7.63 -10.73
C GLU A 102 5.17 6.26 -10.48
N GLU A 103 5.17 5.40 -11.50
CA GLU A 103 4.61 4.06 -11.35
C GLU A 103 5.44 3.27 -10.34
N ALA A 104 6.76 3.47 -10.36
CA ALA A 104 7.65 2.78 -9.44
C ALA A 104 7.37 3.21 -7.99
N ALA A 105 7.05 4.49 -7.79
CA ALA A 105 6.77 5.00 -6.46
C ALA A 105 5.47 4.46 -5.87
N ALA A 106 4.59 3.96 -6.73
CA ALA A 106 3.31 3.43 -6.28
C ALA A 106 3.33 1.93 -6.09
N PHE A 107 4.52 1.33 -6.18
CA PHE A 107 4.65 -0.11 -6.06
C PHE A 107 5.00 -0.77 -4.71
N PRO A 108 6.15 -0.42 -4.12
CA PRO A 108 6.60 -1.00 -2.84
C PRO A 108 5.57 -1.33 -1.76
N VAL A 109 5.04 -0.31 -1.11
CA VAL A 109 4.08 -0.54 -0.04
C VAL A 109 2.82 -1.31 -0.43
N SER A 110 2.13 -0.83 -1.46
CA SER A 110 0.88 -1.48 -1.89
C SER A 110 1.01 -2.94 -2.29
N PHE A 111 1.91 -3.23 -3.21
CA PHE A 111 2.09 -4.60 -3.67
C PHE A 111 2.68 -5.55 -2.64
N LEU A 112 3.60 -5.07 -1.84
CA LEU A 112 4.19 -5.93 -0.81
C LEU A 112 3.11 -6.23 0.22
N THR A 113 2.30 -5.23 0.54
CA THR A 113 1.22 -5.38 1.51
C THR A 113 0.18 -6.39 1.02
N ALA A 114 -0.23 -6.25 -0.24
CA ALA A 114 -1.23 -7.14 -0.81
C ALA A 114 -0.74 -8.58 -0.87
N TYR A 115 0.46 -8.77 -1.41
CA TYR A 115 1.01 -10.11 -1.55
C TYR A 115 1.27 -10.77 -0.19
N LEU A 116 1.95 -10.07 0.70
CA LEU A 116 2.24 -10.64 2.01
C LEU A 116 0.98 -10.88 2.82
N ALA A 117 -0.05 -10.09 2.58
CA ALA A 117 -1.30 -10.25 3.30
C ALA A 117 -1.99 -11.54 2.80
N LEU A 118 -2.06 -11.69 1.48
CA LEU A 118 -2.67 -12.88 0.90
C LEU A 118 -1.82 -14.11 1.18
N LYS A 119 -0.50 -13.96 1.05
CA LYS A 119 0.40 -15.07 1.29
C LYS A 119 0.23 -15.57 2.73
N ARG A 120 0.09 -14.64 3.68
CA ARG A 120 -0.08 -15.07 5.07
C ARG A 120 -1.42 -15.72 5.34
N ALA A 121 -2.46 -15.32 4.61
CA ALA A 121 -3.78 -15.91 4.79
C ALA A 121 -3.86 -17.19 3.95
N GLN A 122 -2.71 -17.63 3.44
CA GLN A 122 -2.62 -18.84 2.62
C GLN A 122 -3.68 -18.87 1.50
N ALA A 123 -3.76 -17.80 0.72
CA ALA A 123 -4.71 -17.72 -0.37
C ALA A 123 -4.34 -18.78 -1.40
N ARG A 124 -5.30 -19.61 -1.79
CA ARG A 124 -5.04 -20.67 -2.76
C ARG A 124 -5.78 -20.36 -4.07
N PRO A 125 -5.25 -20.85 -5.22
CA PRO A 125 -5.89 -20.61 -6.51
C PRO A 125 -7.39 -20.95 -6.47
N GLY A 126 -8.21 -20.10 -7.09
CA GLY A 126 -9.64 -20.34 -7.10
C GLY A 126 -10.40 -19.81 -5.88
N GLU A 127 -9.69 -19.39 -4.84
CA GLU A 127 -10.38 -18.87 -3.66
C GLU A 127 -11.00 -17.48 -3.91
N LYS A 128 -12.09 -17.21 -3.19
CA LYS A 128 -12.83 -15.96 -3.31
C LYS A 128 -12.34 -14.90 -2.32
N VAL A 129 -11.95 -13.73 -2.84
CA VAL A 129 -11.43 -12.68 -1.98
C VAL A 129 -12.11 -11.33 -2.17
N LEU A 130 -12.45 -10.69 -1.06
CA LEU A 130 -13.08 -9.39 -1.11
C LEU A 130 -12.01 -8.32 -0.92
N VAL A 131 -11.95 -7.37 -1.84
CA VAL A 131 -10.99 -6.27 -1.76
C VAL A 131 -11.77 -4.98 -1.57
N GLN A 132 -11.49 -4.25 -0.50
CA GLN A 132 -12.20 -3.01 -0.23
C GLN A 132 -11.43 -1.81 -0.76
N ALA A 133 -12.05 -0.64 -0.75
CA ALA A 133 -11.41 0.57 -1.26
C ALA A 133 -10.64 0.13 -2.50
N ALA A 134 -11.31 -0.68 -3.32
CA ALA A 134 -10.73 -1.26 -4.52
C ALA A 134 -10.24 -0.32 -5.62
N ALA A 135 -10.50 0.98 -5.47
CA ALA A 135 -10.05 1.94 -6.47
C ALA A 135 -8.88 2.76 -5.93
N GLY A 136 -8.42 2.40 -4.72
CA GLY A 136 -7.31 3.11 -4.10
C GLY A 136 -5.96 2.47 -4.40
N ALA A 137 -4.91 2.99 -3.77
CA ALA A 137 -3.57 2.48 -3.97
C ALA A 137 -3.47 1.01 -3.61
N LEU A 138 -3.80 0.67 -2.37
CA LEU A 138 -3.73 -0.72 -1.93
C LEU A 138 -4.72 -1.59 -2.71
N GLY A 139 -5.94 -1.09 -2.86
CA GLY A 139 -6.98 -1.82 -3.56
C GLY A 139 -6.62 -2.26 -4.97
N THR A 140 -6.23 -1.32 -5.81
CA THR A 140 -5.87 -1.63 -7.18
C THR A 140 -4.72 -2.63 -7.21
N ALA A 141 -3.79 -2.48 -6.27
CA ALA A 141 -2.67 -3.40 -6.17
C ALA A 141 -3.18 -4.77 -5.75
N ALA A 142 -4.10 -4.78 -4.78
CA ALA A 142 -4.64 -6.05 -4.28
C ALA A 142 -5.35 -6.84 -5.37
N VAL A 143 -6.16 -6.16 -6.17
CA VAL A 143 -6.89 -6.84 -7.24
C VAL A 143 -5.92 -7.50 -8.22
N GLN A 144 -4.90 -6.76 -8.62
CA GLN A 144 -3.92 -7.29 -9.57
C GLN A 144 -3.13 -8.46 -8.99
N VAL A 145 -2.70 -8.33 -7.74
CA VAL A 145 -1.93 -9.39 -7.10
C VAL A 145 -2.78 -10.64 -6.90
N ALA A 146 -4.01 -10.46 -6.42
CA ALA A 146 -4.91 -11.58 -6.21
C ALA A 146 -5.14 -12.30 -7.53
N ARG A 147 -5.31 -11.52 -8.60
CA ARG A 147 -5.52 -12.12 -9.93
C ARG A 147 -4.33 -12.97 -10.34
N ALA A 148 -3.12 -12.43 -10.18
CA ALA A 148 -1.89 -13.14 -10.53
C ALA A 148 -1.74 -14.41 -9.69
N GLY A 150 -4.18 -16.21 -9.02
CA GLY A 150 -5.27 -17.07 -9.47
C GLY A 150 -6.52 -17.00 -8.61
N LEU A 151 -6.70 -15.91 -7.88
CA LEU A 151 -7.87 -15.77 -7.02
C LEU A 151 -9.06 -15.12 -7.73
N ARG A 152 -10.26 -15.37 -7.19
CA ARG A 152 -11.48 -14.79 -7.72
C ARG A 152 -11.70 -13.55 -6.87
N VAL A 153 -11.72 -12.39 -7.50
CA VAL A 153 -11.84 -11.12 -6.78
C VAL A 153 -13.19 -10.40 -6.83
N LEU A 154 -13.65 -10.00 -5.65
CA LEU A 154 -14.90 -9.25 -5.51
C LEU A 154 -14.42 -7.90 -5.01
N ALA A 155 -14.51 -6.87 -5.85
CA ALA A 155 -14.05 -5.54 -5.47
C ALA A 155 -15.19 -4.70 -4.94
N ALA A 156 -14.90 -3.87 -3.96
CA ALA A 156 -15.92 -3.00 -3.41
C ALA A 156 -15.37 -1.60 -3.22
N ALA A 157 -16.23 -0.60 -3.38
CA ALA A 157 -15.85 0.80 -3.21
C ALA A 157 -17.09 1.57 -2.74
N SER A 158 -16.93 2.84 -2.42
CA SER A 158 -18.04 3.64 -1.92
C SER A 158 -19.00 4.18 -2.98
N ARG A 159 -18.46 4.66 -4.09
CA ARG A 159 -19.26 5.25 -5.16
C ARG A 159 -19.24 4.40 -6.42
N PRO A 160 -20.39 4.35 -7.14
CA PRO A 160 -20.47 3.58 -8.38
C PRO A 160 -19.37 3.98 -9.36
N GLU A 161 -19.00 5.26 -9.36
CA GLU A 161 -17.97 5.75 -10.28
C GLU A 161 -16.57 5.21 -9.97
N LYS A 162 -16.42 4.53 -8.84
CA LYS A 162 -15.10 3.98 -8.47
C LYS A 162 -14.97 2.49 -8.83
N LEU A 163 -16.05 1.92 -9.33
CA LEU A 163 -16.07 0.49 -9.65
C LEU A 163 -15.49 0.07 -11.00
N ALA A 164 -15.47 0.97 -11.98
CA ALA A 164 -14.94 0.64 -13.30
C ALA A 164 -13.47 0.19 -13.29
N LEU A 165 -12.63 0.86 -12.50
CA LEU A 165 -11.21 0.52 -12.45
C LEU A 165 -10.93 -0.90 -11.92
N PRO A 166 -11.48 -1.24 -10.74
CA PRO A 166 -11.26 -2.58 -10.19
C PRO A 166 -11.75 -3.67 -11.13
N LEU A 167 -12.90 -3.42 -11.75
CA LEU A 167 -13.50 -4.36 -12.70
C LEU A 167 -12.52 -4.52 -13.87
N ALA A 168 -11.96 -3.41 -14.31
CA ALA A 168 -11.00 -3.43 -15.41
C ALA A 168 -9.73 -4.18 -15.03
N LEU A 169 -9.33 -4.06 -13.78
CA LEU A 169 -8.11 -4.73 -13.32
C LEU A 169 -8.23 -6.25 -13.22
N GLY A 170 -9.46 -6.77 -13.36
CA GLY A 170 -9.65 -8.20 -13.29
C GLY A 170 -10.68 -8.72 -12.29
N ALA A 171 -11.30 -7.84 -11.51
CA ALA A 171 -12.28 -8.29 -10.54
C ALA A 171 -13.44 -8.99 -11.25
N GLU A 172 -13.93 -10.08 -10.65
CA GLU A 172 -15.06 -10.86 -11.21
C GLU A 172 -16.33 -10.01 -11.13
N GLU A 173 -16.45 -9.26 -10.04
CA GLU A 173 -17.58 -8.37 -9.86
C GLU A 173 -17.09 -7.21 -9.02
N ALA A 174 -17.72 -6.05 -9.17
CA ALA A 174 -17.36 -4.86 -8.41
C ALA A 174 -18.66 -4.36 -7.80
N ALA A 175 -18.63 -3.94 -6.53
CA ALA A 175 -19.86 -3.50 -5.90
C ALA A 175 -19.67 -2.40 -4.85
N THR A 176 -20.73 -1.65 -4.59
CA THR A 176 -20.66 -0.60 -3.57
C THR A 176 -20.77 -1.34 -2.24
N TYR A 177 -20.29 -0.70 -1.18
CA TYR A 177 -20.33 -1.35 0.12
C TYR A 177 -21.72 -1.84 0.51
N ALA A 178 -22.75 -1.08 0.19
CA ALA A 178 -24.11 -1.45 0.55
C ALA A 178 -24.55 -2.77 -0.10
N GLU A 179 -24.03 -3.07 -1.28
CA GLU A 179 -24.42 -4.30 -1.97
C GLU A 179 -23.49 -5.51 -1.77
N VAL A 180 -22.38 -5.31 -1.06
CA VAL A 180 -21.45 -6.40 -0.81
C VAL A 180 -22.10 -7.62 -0.13
N PRO A 181 -22.94 -7.38 0.89
CA PRO A 181 -23.60 -8.48 1.58
C PRO A 181 -24.35 -9.42 0.64
N GLU A 182 -25.09 -8.87 -0.31
CA GLU A 182 -25.84 -9.70 -1.25
C GLU A 182 -24.90 -10.37 -2.24
N ARG A 183 -23.79 -9.72 -2.59
CA ARG A 183 -22.85 -10.33 -3.53
C ARG A 183 -22.12 -11.49 -2.85
N ALA A 184 -21.73 -11.29 -1.59
CA ALA A 184 -21.04 -12.34 -0.86
C ALA A 184 -21.94 -13.59 -0.81
N LYS A 185 -23.23 -13.37 -0.56
CA LYS A 185 -24.15 -14.50 -0.50
C LYS A 185 -24.24 -15.17 -1.88
N ALA A 186 -24.29 -14.35 -2.93
CA ALA A 186 -24.38 -14.89 -4.29
C ALA A 186 -23.12 -15.68 -4.65
N TRP A 187 -22.00 -15.35 -4.00
CA TRP A 187 -20.73 -16.03 -4.25
C TRP A 187 -20.58 -17.26 -3.38
N GLY A 188 -21.53 -17.48 -2.48
CA GLY A 188 -21.47 -18.63 -1.60
C GLY A 188 -20.55 -18.32 -0.43
N GLY A 189 -20.37 -17.02 -0.15
CA GLY A 189 -19.50 -16.63 0.95
C GLY A 189 -18.06 -16.49 0.47
N LEU A 190 -17.28 -15.66 1.15
CA LEU A 190 -15.91 -15.45 0.76
C LEU A 190 -14.92 -16.28 1.58
N ASP A 191 -13.79 -16.59 0.95
CA ASP A 191 -12.72 -17.35 1.58
C ASP A 191 -11.80 -16.37 2.31
N LEU A 192 -11.62 -15.20 1.71
CA LEU A 192 -10.76 -14.16 2.27
C LEU A 192 -11.34 -12.75 2.16
N VAL A 193 -10.96 -11.92 3.12
CA VAL A 193 -11.38 -10.52 3.13
C VAL A 193 -10.16 -9.69 3.52
N LEU A 194 -9.83 -8.68 2.72
CA LEU A 194 -8.71 -7.79 3.03
C LEU A 194 -9.40 -6.57 3.59
N GLU A 195 -9.40 -6.47 4.92
CA GLU A 195 -10.05 -5.39 5.65
C GLU A 195 -9.25 -4.11 5.84
N VAL A 196 -9.71 -3.01 5.25
CA VAL A 196 -9.06 -1.72 5.40
C VAL A 196 -10.04 -0.69 5.96
N ARG A 197 -11.34 -1.02 5.89
CA ARG A 197 -12.39 -0.14 6.41
C ARG A 197 -12.32 -0.16 7.94
N GLY A 198 -12.24 -1.37 8.51
CA GLY A 198 -12.12 -1.52 9.95
C GLY A 198 -13.31 -1.21 10.85
N LYS A 199 -14.33 -0.55 10.32
CA LYS A 199 -15.50 -0.20 11.11
C LYS A 199 -16.25 -1.43 11.63
N GLU A 200 -17.32 -1.80 10.92
CA GLU A 200 -18.13 -2.95 11.31
C GLU A 200 -17.47 -4.27 10.89
N VAL A 201 -16.32 -4.56 11.46
CA VAL A 201 -15.58 -5.78 11.15
C VAL A 201 -16.42 -7.03 11.38
N GLU A 202 -17.35 -6.96 12.33
CA GLU A 202 -18.21 -8.10 12.63
C GLU A 202 -19.06 -8.41 11.39
N GLU A 203 -19.35 -7.38 10.61
CA GLU A 203 -20.14 -7.54 9.39
C GLU A 203 -19.30 -8.22 8.32
N SER A 204 -18.03 -7.87 8.25
CA SER A 204 -17.13 -8.46 7.26
C SER A 204 -17.00 -9.95 7.54
N LEU A 205 -16.97 -10.30 8.83
CA LEU A 205 -16.85 -11.69 9.23
C LEU A 205 -18.06 -12.48 8.80
N GLY A 206 -19.21 -11.82 8.73
CA GLY A 206 -20.43 -12.49 8.31
C GLY A 206 -20.43 -12.85 6.84
N LEU A 207 -19.49 -12.29 6.09
CA LEU A 207 -19.40 -12.53 4.65
C LEU A 207 -18.57 -13.77 4.34
N LEU A 208 -17.83 -14.25 5.34
CA LEU A 208 -16.96 -15.40 5.16
C LEU A 208 -17.63 -16.76 5.18
N ALA A 209 -17.10 -17.68 4.37
CA ALA A 209 -17.58 -19.05 4.31
C ALA A 209 -16.71 -19.85 5.28
N HIS A 210 -17.07 -21.12 5.51
CA HIS A 210 -16.30 -21.98 6.41
C HIS A 210 -14.81 -21.93 6.07
N GLY A 211 -13.97 -21.78 7.08
CA GLY A 211 -12.54 -21.72 6.85
C GLY A 211 -12.06 -20.36 6.37
N GLY A 212 -12.96 -19.39 6.34
CA GLY A 212 -12.60 -18.06 5.85
C GLY A 212 -11.63 -17.28 6.72
N ARG A 213 -10.89 -16.36 6.11
CA ARG A 213 -9.96 -15.55 6.88
C ARG A 213 -9.96 -14.08 6.51
N LEU A 214 -10.01 -13.25 7.54
CA LEU A 214 -10.00 -11.81 7.40
C LEU A 214 -8.62 -11.27 7.80
N VAL A 215 -8.05 -10.44 6.93
CA VAL A 215 -6.75 -9.84 7.19
C VAL A 215 -7.01 -8.38 7.57
N TYR A 216 -6.72 -8.02 8.80
CA TYR A 216 -6.96 -6.67 9.25
C TYR A 216 -5.77 -5.76 8.93
N ILE A 217 -5.92 -4.97 7.88
CA ILE A 217 -4.88 -4.06 7.43
C ILE A 217 -5.24 -2.61 7.75
N ALA A 225 -14.36 -1.12 17.58
CA ALA A 225 -15.33 -2.14 17.17
C ALA A 225 -14.76 -3.55 17.34
N PRO A 226 -14.73 -4.06 18.58
CA PRO A 226 -14.22 -5.40 18.91
C PRO A 226 -14.80 -6.55 18.09
N ILE A 227 -14.17 -7.72 18.20
CA ILE A 227 -14.59 -8.91 17.48
C ILE A 227 -14.97 -10.00 18.47
N PRO A 228 -16.26 -10.39 18.49
CA PRO A 228 -16.73 -11.43 19.42
C PRO A 228 -16.16 -12.82 19.10
N PRO A 229 -15.33 -13.36 20.00
CA PRO A 229 -14.71 -14.69 19.83
C PRO A 229 -15.72 -15.81 20.04
N LEU A 230 -16.53 -16.09 19.02
CA LEU A 230 -17.53 -17.15 19.08
C LEU A 230 -18.13 -17.20 17.68
N ARG A 231 -18.12 -16.04 17.03
CA ARG A 231 -18.61 -15.94 15.67
C ARG A 231 -17.57 -16.64 14.82
N LEU A 232 -16.33 -16.65 15.33
CA LEU A 232 -15.20 -17.28 14.65
C LEU A 232 -15.21 -18.80 14.72
N ARG A 234 -17.98 -21.18 15.02
CA ARG A 234 -18.95 -21.87 14.17
C ARG A 234 -18.39 -22.19 12.80
N ARG A 235 -17.69 -21.25 12.18
CA ARG A 235 -17.16 -21.50 10.83
C ARG A 235 -15.65 -21.64 10.74
N ASN A 236 -14.99 -21.83 11.89
CA ASN A 236 -13.55 -21.97 11.91
C ASN A 236 -12.91 -20.79 11.17
N LEU A 237 -13.34 -19.58 11.51
CA LEU A 237 -12.83 -18.37 10.88
C LEU A 237 -11.57 -17.88 11.57
N ALA A 238 -10.81 -17.04 10.88
CA ALA A 238 -9.60 -16.50 11.46
C ALA A 238 -9.50 -15.01 11.18
N VAL A 239 -8.87 -14.29 12.10
CA VAL A 239 -8.67 -12.86 11.93
C VAL A 239 -7.16 -12.68 12.09
N LEU A 240 -6.51 -12.16 11.04
CA LEU A 240 -5.08 -11.96 11.07
C LEU A 240 -4.74 -10.48 11.05
N GLY A 241 -4.04 -10.02 12.08
CA GLY A 241 -3.65 -8.62 12.14
C GLY A 241 -2.46 -8.51 11.23
N PHE A 242 -2.34 -7.40 10.51
CA PHE A 242 -1.24 -7.24 9.58
C PHE A 242 -0.56 -5.87 9.65
N TRP A 243 0.76 -5.88 9.66
CA TRP A 243 1.54 -4.65 9.67
C TRP A 243 2.84 -4.95 8.90
N LEU A 244 2.99 -4.28 7.76
CA LEU A 244 4.12 -4.47 6.87
C LEU A 244 5.54 -4.26 7.44
N THR A 245 5.74 -3.13 8.11
CA THR A 245 7.05 -2.78 8.66
C THR A 245 7.88 -3.91 9.27
N PRO A 246 7.39 -4.56 10.34
CA PRO A 246 8.16 -5.64 10.94
C PRO A 246 8.54 -6.75 9.96
N LEU A 247 7.66 -7.01 9.00
CA LEU A 247 7.92 -8.06 8.01
C LEU A 247 9.13 -7.78 7.13
N LEU A 248 9.41 -6.50 6.88
CA LEU A 248 10.56 -6.14 6.04
C LEU A 248 11.88 -6.67 6.58
N ARG A 249 11.92 -6.95 7.88
CA ARG A 249 13.14 -7.44 8.52
C ARG A 249 13.37 -8.94 8.27
N GLU A 250 12.40 -9.59 7.65
CA GLU A 250 12.52 -11.03 7.39
C GLU A 250 12.96 -11.34 5.96
N GLY A 251 14.27 -11.40 5.76
CA GLY A 251 14.84 -11.67 4.46
C GLY A 251 14.15 -12.76 3.65
N ALA A 252 13.81 -13.86 4.30
CA ALA A 252 13.16 -14.97 3.62
C ALA A 252 11.82 -14.57 3.00
N LEU A 253 10.97 -13.91 3.79
CA LEU A 253 9.67 -13.47 3.30
C LEU A 253 9.82 -12.53 2.12
N VAL A 254 10.59 -11.47 2.32
CA VAL A 254 10.84 -10.49 1.28
C VAL A 254 11.30 -11.13 -0.02
N GLU A 255 12.41 -11.87 0.04
CA GLU A 255 12.93 -12.52 -1.14
C GLU A 255 11.85 -13.29 -1.89
N GLU A 256 11.04 -14.03 -1.14
CA GLU A 256 9.94 -14.82 -1.73
C GLU A 256 8.94 -13.89 -2.44
N ALA A 257 8.51 -12.84 -1.74
CA ALA A 257 7.56 -11.90 -2.30
C ALA A 257 8.13 -11.24 -3.55
N LEU A 258 9.37 -10.78 -3.48
CA LEU A 258 9.97 -10.11 -4.63
C LEU A 258 10.18 -11.09 -5.77
N GLY A 259 10.42 -12.35 -5.43
CA GLY A 259 10.62 -13.35 -6.45
C GLY A 259 9.34 -13.55 -7.25
N PHE A 260 8.22 -13.17 -6.65
CA PHE A 260 6.94 -13.31 -7.32
C PHE A 260 6.46 -12.02 -7.96
N LEU A 261 6.69 -10.91 -7.27
CA LEU A 261 6.26 -9.60 -7.75
C LEU A 261 7.13 -8.96 -8.84
N LEU A 262 8.45 -8.95 -8.65
CA LEU A 262 9.36 -8.33 -9.61
C LEU A 262 9.26 -8.82 -11.06
N PRO A 263 9.26 -10.14 -11.28
CA PRO A 263 9.16 -10.59 -12.67
C PRO A 263 7.85 -10.13 -13.32
N ARG A 264 6.90 -9.69 -12.51
CA ARG A 264 5.61 -9.25 -13.04
C ARG A 264 5.44 -7.74 -13.11
N LEU A 265 6.34 -7.00 -12.48
CA LEU A 265 6.26 -5.55 -12.45
C LEU A 265 6.47 -4.96 -13.83
N GLY A 266 5.50 -4.18 -14.28
CA GLY A 266 5.60 -3.56 -15.58
C GLY A 266 4.94 -4.42 -16.64
N ARG A 267 4.50 -5.60 -16.23
CA ARG A 267 3.85 -6.53 -17.15
C ARG A 267 2.43 -6.79 -16.66
N GLU A 268 2.18 -7.88 -15.95
CA GLU A 268 0.82 -8.06 -15.49
C GLU A 268 0.54 -7.19 -14.26
N LEU A 269 1.58 -6.73 -13.59
CA LEU A 269 1.38 -5.87 -12.42
C LEU A 269 1.74 -4.43 -12.79
N ARG A 270 0.73 -3.58 -12.87
CA ARG A 270 0.94 -2.19 -13.22
C ARG A 270 0.37 -1.26 -12.14
N PRO A 271 1.23 -0.75 -11.25
CA PRO A 271 0.80 0.15 -10.17
C PRO A 271 -0.01 1.31 -10.74
N VAL A 272 -1.12 1.64 -10.09
CA VAL A 272 -1.97 2.73 -10.57
C VAL A 272 -1.57 4.07 -9.93
N VAL A 273 -1.04 4.97 -10.76
CA VAL A 273 -0.64 6.28 -10.27
C VAL A 273 -1.87 7.18 -10.26
N GLY A 274 -2.07 7.91 -9.16
CA GLY A 274 -3.20 8.80 -9.07
C GLY A 274 -2.76 10.24 -9.21
N PRO A 275 -3.18 11.12 -8.29
CA PRO A 275 -2.78 12.53 -8.36
C PRO A 275 -1.27 12.64 -8.22
N VAL A 276 -0.64 13.38 -9.12
CA VAL A 276 0.80 13.60 -9.04
C VAL A 276 1.03 15.06 -8.70
N PHE A 277 1.72 15.31 -7.59
CA PHE A 277 2.00 16.66 -7.13
C PHE A 277 3.47 17.03 -7.25
N PRO A 278 3.76 18.30 -7.58
CA PRO A 278 5.14 18.76 -7.71
C PRO A 278 5.68 18.89 -6.29
N PHE A 279 7.01 18.83 -6.13
CA PHE A 279 7.64 18.94 -4.83
C PHE A 279 7.06 20.08 -4.01
N ALA A 280 6.91 21.24 -4.65
CA ALA A 280 6.38 22.43 -4.00
C ALA A 280 4.99 22.27 -3.37
N GLU A 281 4.19 21.35 -3.90
CA GLU A 281 2.84 21.14 -3.37
C GLU A 281 2.67 19.99 -2.37
N ALA A 282 3.72 19.70 -1.61
CA ALA A 282 3.68 18.64 -0.61
C ALA A 282 2.44 18.64 0.29
N GLU A 283 2.10 19.79 0.85
CA GLU A 283 0.95 19.88 1.74
C GLU A 283 -0.31 19.43 1.00
N ALA A 284 -0.45 19.87 -0.24
CA ALA A 284 -1.60 19.50 -1.05
C ALA A 284 -1.66 17.98 -1.22
N ALA A 285 -0.52 17.36 -1.51
CA ALA A 285 -0.45 15.90 -1.70
C ALA A 285 -0.92 15.16 -0.45
N PHE A 286 -0.52 15.65 0.71
CA PHE A 286 -0.92 15.03 1.98
C PHE A 286 -2.44 15.10 2.17
N ARG A 287 -3.05 16.18 1.70
CA ARG A 287 -4.50 16.32 1.83
C ARG A 287 -5.19 15.36 0.87
N ALA A 288 -4.55 15.12 -0.28
CA ALA A 288 -5.10 14.21 -1.28
C ALA A 288 -5.24 12.80 -0.70
N LEU A 289 -4.43 12.51 0.33
CA LEU A 289 -4.48 11.21 0.99
C LEU A 289 -5.81 11.10 1.72
N LEU A 290 -6.37 12.25 2.08
CA LEU A 290 -7.64 12.29 2.80
C LEU A 290 -8.84 12.42 1.88
N ASP A 291 -8.60 12.77 0.62
CA ASP A 291 -9.69 12.90 -0.34
C ASP A 291 -10.10 11.52 -0.86
N ARG A 292 -11.19 11.00 -0.32
CA ARG A 292 -11.69 9.69 -0.74
C ARG A 292 -11.92 9.66 -2.24
N GLY A 293 -12.15 10.83 -2.82
CA GLY A 293 -12.38 10.94 -4.25
C GLY A 293 -11.22 10.55 -5.15
N HIS A 294 -9.99 10.71 -4.68
CA HIS A 294 -8.85 10.34 -5.51
C HIS A 294 -8.76 8.82 -5.70
N THR A 295 -8.18 8.41 -6.81
CA THR A 295 -8.00 6.98 -7.08
C THR A 295 -6.52 6.72 -7.31
N GLY A 296 -6.06 5.53 -6.97
CA GLY A 296 -4.67 5.21 -7.16
C GLY A 296 -3.77 5.83 -6.11
N LYS A 297 -2.47 5.79 -6.37
CA LYS A 297 -1.44 6.30 -5.47
C LYS A 297 -1.17 7.79 -5.59
N VAL A 298 -1.02 8.46 -4.44
CA VAL A 298 -0.69 9.88 -4.43
C VAL A 298 0.82 9.93 -4.52
N VAL A 299 1.34 10.62 -5.52
CA VAL A 299 2.77 10.70 -5.72
C VAL A 299 3.30 12.12 -5.81
N VAL A 300 4.45 12.36 -5.18
CA VAL A 300 5.09 13.66 -5.25
C VAL A 300 6.28 13.49 -6.20
N ARG A 301 6.34 14.33 -7.22
CA ARG A 301 7.39 14.26 -8.23
C ARG A 301 8.36 15.42 -8.06
N LEU A 302 9.65 15.12 -8.03
CA LEU A 302 10.66 16.17 -7.89
C LEU A 302 11.21 16.64 -9.24
#